data_4GKY
#
_entry.id   4GKY
#
_cell.length_a   110.263
_cell.length_b   110.263
_cell.length_c   38.332
_cell.angle_alpha   90.00
_cell.angle_beta   90.00
_cell.angle_gamma   120.00
#
_symmetry.space_group_name_H-M   'P 6'
#
loop_
_entity.id
_entity.type
_entity.pdbx_description
1 polymer 'Protein ERGIC-53'
2 non-polymer 'CALCIUM ION'
3 non-polymer alpha-D-mannopyranose
4 non-polymer GLYCEROL
5 water water
#
_entity_poly.entity_id   1
_entity_poly.type   'polypeptide(L)'
_entity_poly.pdbx_seq_one_letter_code
;MGSSHHHHHHSSGLVPRGSHMDGVGGDPAVALPHRRFEYKYSFKGPHLVQSDGTVPFWAHAGNAIPSSDQIRVAPSLKSQ
RGSVWTKTKAAFENWEVEVTFRVTGRGRIGADGLAIWYAENQGLEGPVFGSADLWNGVGIFFDSFDNDGKKNNPAIVIIG
NNGQIHYDHQNDGASQALASCQRDFRNKPYPVRAKITYYQNTLTVMINNGFTPDKNDYEFCAKVENMIIPAQGHFGISAA
TGGLADDHDVLSFLTFQLTEP
;
_entity_poly.pdbx_strand_id   A
#
# COMPACT_ATOMS: atom_id res chain seq x y z
N LEU A 32 10.82 22.91 2.52
CA LEU A 32 9.62 22.22 2.96
C LEU A 32 8.40 22.63 2.15
N PRO A 33 7.78 21.65 1.49
CA PRO A 33 6.55 21.85 0.72
C PRO A 33 5.29 21.95 1.59
N HIS A 34 4.33 22.76 1.15
CA HIS A 34 3.03 22.85 1.81
C HIS A 34 2.15 21.63 1.54
N ARG A 35 1.43 21.18 2.57
CA ARG A 35 0.54 20.03 2.46
C ARG A 35 -0.91 20.44 2.61
N ARG A 36 -1.74 19.95 1.69
CA ARG A 36 -3.16 20.17 1.79
C ARG A 36 -3.87 18.83 1.85
N PHE A 37 -4.52 18.55 2.97
CA PHE A 37 -5.24 17.30 3.13
C PHE A 37 -6.35 17.24 2.09
N GLU A 38 -6.48 16.09 1.44
CA GLU A 38 -7.59 15.87 0.52
C GLU A 38 -8.47 14.71 0.99
N TYR A 39 -9.63 15.06 1.53
CA TYR A 39 -10.57 14.09 2.08
C TYR A 39 -11.16 13.11 1.08
N LYS A 40 -11.37 13.56 -0.15
CA LYS A 40 -11.94 12.76 -1.21
C LYS A 40 -11.07 11.56 -1.58
N TYR A 41 -9.78 11.64 -1.29
CA TYR A 41 -8.85 10.56 -1.55
C TYR A 41 -8.36 9.88 -0.28
N SER A 42 -9.10 10.04 0.80
CA SER A 42 -8.70 9.52 2.10
C SER A 42 -9.82 8.76 2.80
N PHE A 43 -9.45 7.90 3.73
CA PHE A 43 -10.41 7.33 4.68
C PHE A 43 -9.78 7.13 6.06
N LYS A 44 -10.58 7.25 7.10
CA LYS A 44 -10.15 6.94 8.46
C LYS A 44 -11.29 6.71 9.44
N GLY A 45 -10.97 6.10 10.58
CA GLY A 45 -11.89 5.93 11.70
C GLY A 45 -12.09 7.22 12.48
N PRO A 46 -13.03 7.25 13.42
CA PRO A 46 -13.70 6.09 14.00
C PRO A 46 -15.01 5.66 13.38
N HIS A 47 -15.46 6.31 12.32
CA HIS A 47 -16.65 5.83 11.62
C HIS A 47 -16.28 5.69 10.16
N LEU A 48 -15.36 4.77 9.91
CA LEU A 48 -14.84 4.57 8.57
C LEU A 48 -15.90 4.13 7.58
N VAL A 49 -16.77 3.23 8.02
CA VAL A 49 -17.76 2.63 7.13
C VAL A 49 -19.14 3.23 7.27
N GLN A 50 -19.76 3.50 6.13
CA GLN A 50 -21.14 3.96 6.07
C GLN A 50 -22.12 2.83 6.37
N SER A 51 -23.32 3.21 6.79
CA SER A 51 -24.37 2.28 7.16
C SER A 51 -24.64 1.30 6.02
N ASP A 52 -24.47 1.76 4.80
CA ASP A 52 -24.66 0.91 3.64
C ASP A 52 -23.51 -0.07 3.51
N GLY A 53 -22.51 0.08 4.36
CA GLY A 53 -21.34 -0.77 4.33
C GLY A 53 -20.27 -0.24 3.38
N THR A 54 -20.56 0.88 2.75
CA THR A 54 -19.57 1.55 1.94
C THR A 54 -18.71 2.55 2.69
N VAL A 55 -17.48 2.61 2.27
CA VAL A 55 -16.51 3.65 2.63
C VAL A 55 -16.61 4.82 1.66
N PRO A 56 -16.73 6.03 2.17
CA PRO A 56 -16.93 7.17 1.26
C PRO A 56 -15.74 7.43 0.34
N PHE A 57 -16.03 7.58 -0.95
CA PHE A 57 -15.06 8.03 -1.93
C PHE A 57 -14.14 6.92 -2.38
N TRP A 58 -14.40 5.71 -1.90
CA TRP A 58 -13.54 4.57 -2.16
C TRP A 58 -14.39 3.37 -2.54
N ALA A 59 -13.83 2.49 -3.35
CA ALA A 59 -14.50 1.26 -3.74
C ALA A 59 -13.70 0.08 -3.24
N HIS A 60 -14.39 -0.90 -2.66
CA HIS A 60 -13.72 -2.08 -2.16
C HIS A 60 -14.15 -3.36 -2.89
N ALA A 61 -13.20 -4.26 -3.09
CA ALA A 61 -13.40 -5.42 -3.93
C ALA A 61 -12.86 -6.69 -3.30
N GLY A 62 -13.31 -7.83 -3.79
CA GLY A 62 -12.96 -9.11 -3.23
C GLY A 62 -13.41 -9.27 -1.80
N ASN A 63 -12.51 -9.74 -0.95
CA ASN A 63 -12.85 -10.09 0.41
C ASN A 63 -12.48 -9.07 1.48
N ALA A 64 -12.15 -7.86 1.07
CA ALA A 64 -11.86 -6.79 2.00
C ALA A 64 -13.09 -6.44 2.81
N ILE A 65 -12.93 -6.30 4.12
CA ILE A 65 -14.05 -5.94 4.96
C ILE A 65 -13.83 -4.58 5.59
N PRO A 66 -14.77 -3.68 5.35
CA PRO A 66 -14.70 -2.33 5.90
C PRO A 66 -15.53 -2.25 7.18
N SER A 67 -14.90 -1.73 8.23
CA SER A 67 -15.50 -1.59 9.55
C SER A 67 -15.22 -0.18 10.03
N SER A 68 -15.81 0.20 11.15
CA SER A 68 -15.71 1.58 11.61
C SER A 68 -14.29 2.00 11.95
N ASP A 69 -13.58 1.15 12.68
CA ASP A 69 -12.18 1.38 13.00
C ASP A 69 -11.19 1.27 11.83
N GLN A 70 -11.38 0.25 11.00
CA GLN A 70 -10.39 -0.13 10.02
C GLN A 70 -10.97 -0.95 8.88
N ILE A 71 -10.18 -1.15 7.84
CA ILE A 71 -10.54 -2.08 6.79
C ILE A 71 -9.60 -3.28 6.78
N ARG A 72 -10.18 -4.48 6.85
CA ARG A 72 -9.38 -5.69 6.70
C ARG A 72 -9.38 -6.02 5.22
N VAL A 73 -8.33 -5.59 4.55
CA VAL A 73 -8.18 -5.82 3.12
C VAL A 73 -8.06 -7.29 2.79
N ALA A 74 -7.18 -8.00 3.49
CA ALA A 74 -7.13 -9.45 3.40
C ALA A 74 -7.09 -10.11 4.78
N PRO A 75 -8.04 -11.01 5.00
CA PRO A 75 -8.13 -11.77 6.26
C PRO A 75 -7.12 -12.92 6.32
N SER A 76 -6.85 -13.42 7.52
CA SER A 76 -5.89 -14.51 7.67
C SER A 76 -6.56 -15.84 7.38
N LEU A 77 -6.96 -15.97 6.13
CA LEU A 77 -7.54 -17.18 5.57
C LEU A 77 -6.73 -17.47 4.33
N LYS A 78 -6.71 -18.71 3.88
CA LYS A 78 -5.97 -19.09 2.69
C LYS A 78 -6.54 -18.46 1.43
N SER A 79 -5.68 -18.11 0.48
CA SER A 79 -6.10 -17.65 -0.84
C SER A 79 -7.06 -16.45 -0.90
N GLN A 80 -6.76 -15.40 -0.15
CA GLN A 80 -7.64 -14.23 -0.11
C GLN A 80 -7.09 -13.09 -0.96
N ARG A 81 -8.00 -12.39 -1.64
CA ARG A 81 -7.67 -11.17 -2.37
C ARG A 81 -8.57 -10.03 -1.88
N GLY A 82 -7.98 -8.91 -1.55
CA GLY A 82 -8.74 -7.72 -1.21
C GLY A 82 -8.13 -6.45 -1.75
N SER A 83 -8.97 -5.51 -2.15
CA SER A 83 -8.50 -4.21 -2.58
C SER A 83 -9.47 -3.09 -2.23
N VAL A 84 -8.93 -1.90 -1.99
CA VAL A 84 -9.72 -0.69 -1.87
C VAL A 84 -9.10 0.40 -2.75
N TRP A 85 -9.91 0.99 -3.63
CA TRP A 85 -9.41 2.01 -4.55
C TRP A 85 -10.28 3.26 -4.53
N THR A 86 -9.66 4.40 -4.77
CA THR A 86 -10.42 5.65 -4.86
C THR A 86 -11.35 5.61 -6.08
N LYS A 87 -12.58 6.06 -5.90
CA LYS A 87 -13.55 6.13 -6.98
C LYS A 87 -13.16 7.10 -8.09
N THR A 88 -12.54 8.20 -7.71
CA THR A 88 -12.19 9.24 -8.66
C THR A 88 -10.69 9.44 -8.75
N LYS A 89 -10.23 9.82 -9.93
CA LYS A 89 -8.84 10.10 -10.16
C LYS A 89 -8.39 11.39 -9.48
N ALA A 90 -7.12 11.43 -9.13
CA ALA A 90 -6.51 12.61 -8.57
C ALA A 90 -5.54 13.17 -9.60
N ALA A 91 -5.43 14.48 -9.64
CA ALA A 91 -4.52 15.11 -10.57
C ALA A 91 -3.63 16.10 -9.84
N PHE A 92 -2.68 15.58 -9.08
CA PHE A 92 -1.77 16.40 -8.31
C PHE A 92 -0.38 16.30 -8.88
N GLU A 93 0.24 17.45 -9.12
CA GLU A 93 1.60 17.50 -9.60
C GLU A 93 2.51 16.87 -8.56
N ASN A 94 2.25 17.20 -7.30
CA ASN A 94 2.95 16.62 -6.17
C ASN A 94 1.97 16.13 -5.12
N TRP A 95 2.26 15.00 -4.50
CA TRP A 95 1.39 14.44 -3.48
C TRP A 95 2.15 13.69 -2.40
N GLU A 96 1.52 13.53 -1.24
CA GLU A 96 2.04 12.72 -0.18
C GLU A 96 0.94 11.83 0.37
N VAL A 97 1.29 10.59 0.68
CA VAL A 97 0.33 9.66 1.25
C VAL A 97 0.83 9.03 2.55
N GLU A 98 -0.02 9.04 3.57
CA GLU A 98 0.30 8.37 4.82
C GLU A 98 -0.68 7.25 5.06
N VAL A 99 -0.16 6.03 5.15
CA VAL A 99 -1.00 4.87 5.38
C VAL A 99 -0.65 4.20 6.70
N THR A 100 -1.66 3.97 7.52
CA THR A 100 -1.47 3.29 8.79
C THR A 100 -2.06 1.90 8.69
N PHE A 101 -1.23 0.89 8.91
CA PHE A 101 -1.66 -0.48 8.71
C PHE A 101 -1.10 -1.44 9.74
N ARG A 102 -1.78 -2.56 9.91
CA ARG A 102 -1.29 -3.63 10.75
C ARG A 102 -1.23 -4.91 9.95
N VAL A 103 -0.11 -5.59 9.95
CA VAL A 103 -0.07 -6.94 9.39
C VAL A 103 0.20 -7.90 10.54
N THR A 104 -0.77 -8.76 10.82
CA THR A 104 -0.70 -9.67 11.98
C THR A 104 -0.84 -11.15 11.63
N GLY A 105 0.14 -11.95 12.04
CA GLY A 105 0.10 -13.37 11.79
C GLY A 105 0.64 -14.22 12.93
N ARG A 106 0.12 -15.43 13.09
CA ARG A 106 0.55 -16.30 14.18
C ARG A 106 1.99 -16.75 13.97
N GLY A 107 2.33 -17.06 12.72
CA GLY A 107 3.65 -17.54 12.37
C GLY A 107 4.75 -16.50 12.35
N ARG A 108 5.98 -16.97 12.49
CA ARG A 108 7.16 -16.18 12.27
C ARG A 108 7.16 -15.78 10.80
N ILE A 109 6.57 -16.65 9.99
CA ILE A 109 6.45 -16.43 8.56
C ILE A 109 5.00 -16.18 8.19
N GLY A 110 4.77 -15.15 7.38
CA GLY A 110 3.43 -14.76 6.97
C GLY A 110 3.36 -14.44 5.50
N ALA A 111 2.15 -14.44 4.95
CA ALA A 111 1.93 -14.15 3.55
C ALA A 111 0.60 -13.43 3.31
N ASP A 112 0.48 -12.76 2.17
CA ASP A 112 1.61 -12.53 1.28
C ASP A 112 2.13 -11.09 1.36
N GLY A 113 1.24 -10.16 1.71
CA GLY A 113 1.63 -8.77 1.83
C GLY A 113 0.55 -7.79 1.41
N LEU A 114 0.92 -6.52 1.42
CA LEU A 114 0.03 -5.41 1.13
C LEU A 114 0.69 -4.51 0.07
N ALA A 115 -0.11 -3.86 -0.75
CA ALA A 115 0.42 -2.99 -1.78
C ALA A 115 -0.24 -1.63 -1.71
N ILE A 116 0.56 -0.60 -1.93
CA ILE A 116 0.04 0.76 -2.01
C ILE A 116 0.19 1.23 -3.45
N TRP A 117 -0.89 1.77 -4.01
CA TRP A 117 -0.94 2.03 -5.44
C TRP A 117 -1.22 3.48 -5.83
N TYR A 118 -0.57 3.90 -6.91
CA TYR A 118 -0.95 5.09 -7.66
C TYR A 118 -0.87 4.74 -9.14
N ALA A 119 -2.01 4.51 -9.76
CA ALA A 119 -2.06 4.03 -11.13
C ALA A 119 -3.15 4.69 -11.96
N GLU A 120 -2.96 4.65 -13.27
CA GLU A 120 -3.91 5.21 -14.22
C GLU A 120 -5.31 4.66 -14.05
N ASN A 121 -5.42 3.35 -13.86
CA ASN A 121 -6.71 2.72 -13.71
C ASN A 121 -6.87 1.94 -12.41
N GLN A 122 -8.11 1.80 -11.96
CA GLN A 122 -8.41 1.02 -10.78
C GLN A 122 -7.97 -0.42 -11.01
N GLY A 123 -7.30 -1.00 -10.03
CA GLY A 123 -6.89 -2.39 -10.15
C GLY A 123 -7.61 -3.19 -9.09
N LEU A 124 -8.94 -3.19 -9.15
CA LEU A 124 -9.70 -3.72 -8.05
C LEU A 124 -9.43 -5.20 -7.80
N GLU A 125 -9.25 -5.97 -8.86
CA GLU A 125 -9.03 -7.40 -8.70
C GLU A 125 -7.88 -7.89 -9.56
N GLY A 126 -7.16 -8.89 -9.06
CA GLY A 126 -6.02 -9.42 -9.79
C GLY A 126 -5.02 -10.15 -8.95
N PRO A 127 -3.94 -10.60 -9.59
CA PRO A 127 -2.94 -11.46 -8.95
C PRO A 127 -1.78 -10.70 -8.31
N VAL A 128 -1.78 -9.38 -8.32
CA VAL A 128 -0.68 -8.65 -7.71
C VAL A 128 -1.06 -8.11 -6.34
N PHE A 129 -0.83 -8.93 -5.32
CA PHE A 129 -1.22 -8.60 -3.96
C PHE A 129 -2.69 -8.17 -3.91
N GLY A 130 -3.52 -8.92 -4.62
CA GLY A 130 -4.96 -8.66 -4.65
C GLY A 130 -5.41 -7.70 -5.74
N SER A 131 -4.46 -7.10 -6.45
CA SER A 131 -4.81 -6.13 -7.48
C SER A 131 -4.41 -6.52 -8.90
N ALA A 132 -4.90 -5.74 -9.84
CA ALA A 132 -4.66 -5.96 -11.26
C ALA A 132 -3.20 -5.87 -11.65
N ASP A 133 -2.79 -6.70 -12.59
CA ASP A 133 -1.43 -6.68 -13.08
C ASP A 133 -1.29 -5.75 -14.29
N LEU A 134 -0.06 -5.56 -14.74
CA LEU A 134 0.21 -4.73 -15.92
C LEU A 134 -0.37 -3.34 -15.72
N TRP A 135 -0.09 -2.75 -14.57
CA TRP A 135 -0.63 -1.45 -14.24
C TRP A 135 0.25 -0.35 -14.82
N ASN A 136 -0.32 0.83 -14.98
CA ASN A 136 0.47 1.98 -15.36
C ASN A 136 0.60 2.89 -14.14
N GLY A 137 1.81 3.00 -13.60
CA GLY A 137 2.01 3.71 -12.35
C GLY A 137 3.00 3.04 -11.43
N VAL A 138 2.89 3.30 -10.14
CA VAL A 138 3.79 2.71 -9.16
C VAL A 138 3.10 1.93 -8.05
N GLY A 139 3.67 0.78 -7.71
CA GLY A 139 3.21 -0.01 -6.60
C GLY A 139 4.29 -0.13 -5.56
N ILE A 140 3.93 0.12 -4.32
CA ILE A 140 4.85 -0.05 -3.21
C ILE A 140 4.43 -1.30 -2.47
N PHE A 141 5.22 -2.35 -2.64
CA PHE A 141 4.85 -3.65 -2.12
C PHE A 141 5.50 -3.94 -0.80
N PHE A 142 4.68 -4.31 0.17
CA PHE A 142 5.18 -4.74 1.45
C PHE A 142 5.08 -6.25 1.45
N ASP A 143 6.11 -6.85 0.86
CA ASP A 143 6.16 -8.28 0.61
C ASP A 143 6.61 -9.06 1.84
N SER A 144 5.68 -9.81 2.41
CA SER A 144 5.93 -10.60 3.60
C SER A 144 6.66 -11.91 3.33
N PHE A 145 6.39 -12.50 2.17
CA PHE A 145 6.81 -13.86 1.89
C PHE A 145 7.93 -13.98 0.87
N ASP A 146 8.99 -14.66 1.27
CA ASP A 146 10.17 -14.79 0.45
C ASP A 146 9.96 -15.93 -0.53
N ASN A 147 9.47 -15.56 -1.71
CA ASN A 147 9.21 -16.51 -2.76
C ASN A 147 10.48 -16.96 -3.49
N ASP A 148 11.60 -16.31 -3.20
CA ASP A 148 12.86 -16.63 -3.88
C ASP A 148 13.95 -17.12 -2.92
N GLY A 149 13.57 -17.40 -1.69
CA GLY A 149 14.44 -18.07 -0.75
C GLY A 149 15.74 -17.34 -0.51
N LYS A 150 15.74 -16.03 -0.72
CA LYS A 150 16.93 -15.22 -0.51
C LYS A 150 17.03 -14.72 0.92
N LYS A 151 16.03 -15.02 1.73
CA LYS A 151 16.00 -14.58 3.11
C LYS A 151 16.12 -13.06 3.22
N ASN A 152 15.46 -12.37 2.29
CA ASN A 152 15.44 -10.93 2.26
C ASN A 152 14.07 -10.32 2.56
N ASN A 153 13.18 -11.09 3.20
CA ASN A 153 11.82 -10.66 3.48
C ASN A 153 11.55 -10.76 4.97
N PRO A 154 10.60 -9.98 5.49
CA PRO A 154 9.80 -9.06 4.71
C PRO A 154 10.62 -7.93 4.13
N ALA A 155 10.17 -7.43 2.99
CA ALA A 155 10.83 -6.34 2.29
C ALA A 155 9.81 -5.34 1.76
N ILE A 156 10.27 -4.12 1.54
CA ILE A 156 9.47 -3.06 0.93
C ILE A 156 10.04 -2.71 -0.45
N VAL A 157 9.24 -2.96 -1.49
CA VAL A 157 9.71 -2.84 -2.85
C VAL A 157 8.91 -1.86 -3.71
N ILE A 158 9.60 -0.91 -4.33
CA ILE A 158 8.98 0.03 -5.24
C ILE A 158 9.09 -0.48 -6.66
N ILE A 159 7.95 -0.74 -7.29
CA ILE A 159 7.95 -1.21 -8.66
C ILE A 159 7.12 -0.32 -9.58
N GLY A 160 7.80 0.35 -10.50
CA GLY A 160 7.12 1.16 -11.50
C GLY A 160 6.62 0.28 -12.61
N ASN A 161 5.74 0.81 -13.45
CA ASN A 161 5.16 0.02 -14.52
C ASN A 161 4.45 0.91 -15.53
N ASN A 162 4.51 0.52 -16.80
CA ASN A 162 3.86 1.28 -17.86
C ASN A 162 2.76 0.48 -18.51
N GLY A 163 2.42 -0.65 -17.90
CA GLY A 163 1.35 -1.48 -18.39
C GLY A 163 1.80 -2.61 -19.31
N GLN A 164 3.10 -2.82 -19.38
CA GLN A 164 3.63 -3.91 -20.20
C GLN A 164 4.45 -4.93 -19.44
N ILE A 165 4.55 -4.77 -18.13
CA ILE A 165 5.32 -5.68 -17.30
C ILE A 165 4.44 -6.59 -16.47
N HIS A 166 4.68 -7.89 -16.56
CA HIS A 166 3.99 -8.85 -15.72
C HIS A 166 4.78 -9.02 -14.43
N TYR A 167 4.17 -8.66 -13.31
CA TYR A 167 4.82 -8.76 -12.02
C TYR A 167 5.32 -10.18 -11.77
N ASP A 168 6.51 -10.29 -11.20
CA ASP A 168 7.12 -11.58 -10.91
C ASP A 168 6.93 -11.98 -9.45
N HIS A 169 5.83 -12.65 -9.17
CA HIS A 169 5.47 -13.05 -7.82
C HIS A 169 6.44 -14.07 -7.23
N GLN A 170 6.95 -14.96 -8.08
CA GLN A 170 7.85 -16.01 -7.63
C GLN A 170 9.21 -15.47 -7.19
N ASN A 171 9.61 -14.37 -7.78
CA ASN A 171 10.91 -13.79 -7.48
C ASN A 171 10.81 -12.50 -6.69
N ASP A 172 9.63 -12.31 -6.07
CA ASP A 172 9.36 -11.11 -5.29
C ASP A 172 9.71 -9.86 -6.09
N GLY A 173 9.43 -9.91 -7.39
CA GLY A 173 9.76 -8.84 -8.30
C GLY A 173 11.15 -8.27 -8.08
N ALA A 174 12.11 -9.12 -7.78
CA ALA A 174 13.47 -8.66 -7.54
C ALA A 174 14.03 -8.03 -8.81
N SER A 175 13.70 -8.61 -9.94
CA SER A 175 14.21 -8.13 -11.22
C SER A 175 13.58 -6.81 -11.66
N GLN A 176 12.39 -6.51 -11.16
CA GLN A 176 11.65 -5.35 -11.63
C GLN A 176 11.65 -4.18 -10.65
N ALA A 177 12.29 -4.35 -9.51
CA ALA A 177 12.26 -3.35 -8.46
C ALA A 177 13.10 -2.11 -8.77
N LEU A 178 12.55 -0.92 -8.55
CA LEU A 178 13.30 0.31 -8.75
C LEU A 178 14.13 0.63 -7.52
N ALA A 179 13.63 0.21 -6.35
CA ALA A 179 14.32 0.44 -5.08
C ALA A 179 13.70 -0.45 -4.01
N SER A 180 14.42 -0.71 -2.94
CA SER A 180 13.89 -1.52 -1.87
C SER A 180 14.64 -1.36 -0.56
N CYS A 181 14.02 -1.82 0.52
CA CYS A 181 14.64 -1.92 1.82
C CYS A 181 14.06 -3.14 2.52
N GLN A 182 14.80 -3.68 3.48
CA GLN A 182 14.28 -4.76 4.29
C GLN A 182 13.75 -4.16 5.57
N ARG A 183 12.49 -4.41 5.85
CA ARG A 183 11.87 -3.87 7.06
C ARG A 183 10.80 -4.85 7.49
N ASP A 184 10.77 -5.16 8.79
CA ASP A 184 9.78 -6.10 9.30
C ASP A 184 8.56 -5.38 9.82
N PHE A 185 7.47 -5.46 9.08
CA PHE A 185 6.22 -4.79 9.43
C PHE A 185 5.21 -5.72 10.05
N ARG A 186 5.59 -6.98 10.27
CA ARG A 186 4.69 -7.97 10.84
C ARG A 186 4.71 -7.96 12.37
N ASN A 187 3.53 -7.98 12.96
CA ASN A 187 3.35 -8.16 14.39
C ASN A 187 4.03 -7.13 15.29
N LYS A 188 3.88 -5.87 14.93
CA LYS A 188 4.41 -4.79 15.74
C LYS A 188 3.36 -4.34 16.74
N PRO A 189 3.79 -3.80 17.87
CA PRO A 189 2.87 -3.42 18.94
C PRO A 189 1.98 -2.26 18.55
N TYR A 190 2.54 -1.31 17.82
CA TYR A 190 1.76 -0.20 17.31
C TYR A 190 1.61 -0.33 15.80
N PRO A 191 0.60 0.33 15.25
CA PRO A 191 0.39 0.32 13.81
C PRO A 191 1.60 0.85 13.07
N VAL A 192 1.98 0.19 11.99
CA VAL A 192 3.07 0.64 11.15
C VAL A 192 2.56 1.75 10.23
N ARG A 193 3.36 2.80 10.08
CA ARG A 193 3.00 3.92 9.23
C ARG A 193 3.95 4.08 8.06
N ALA A 194 3.41 4.20 6.86
CA ALA A 194 4.19 4.43 5.68
C ALA A 194 3.89 5.81 5.11
N LYS A 195 4.92 6.62 4.93
CA LYS A 195 4.77 7.93 4.32
C LYS A 195 5.40 7.90 2.95
N ILE A 196 4.57 8.06 1.92
CA ILE A 196 5.02 7.96 0.55
C ILE A 196 4.81 9.29 -0.18
N THR A 197 5.91 9.94 -0.52
CA THR A 197 5.87 11.27 -1.08
C THR A 197 6.33 11.32 -2.51
N TYR A 198 5.58 12.03 -3.35
CA TYR A 198 5.99 12.30 -4.70
C TYR A 198 6.13 13.80 -4.90
N TYR A 199 7.37 14.27 -4.89
CA TYR A 199 7.66 15.68 -4.91
C TYR A 199 8.82 16.01 -5.82
N GLN A 200 8.58 16.90 -6.78
CA GLN A 200 9.59 17.28 -7.76
C GLN A 200 10.21 16.05 -8.41
N ASN A 201 9.36 15.13 -8.83
CA ASN A 201 9.79 13.93 -9.56
C ASN A 201 10.53 12.89 -8.73
N THR A 202 10.50 13.03 -7.41
CA THR A 202 11.16 12.05 -6.55
C THR A 202 10.16 11.31 -5.69
N LEU A 203 10.28 9.99 -5.67
CA LEU A 203 9.42 9.15 -4.87
C LEU A 203 10.13 8.60 -3.64
N THR A 204 9.76 9.12 -2.48
CA THR A 204 10.36 8.69 -1.23
C THR A 204 9.38 7.89 -0.39
N VAL A 205 9.90 6.85 0.26
CA VAL A 205 9.13 6.04 1.19
C VAL A 205 9.77 6.08 2.57
N MET A 206 9.07 6.67 3.52
CA MET A 206 9.50 6.69 4.91
C MET A 206 8.65 5.73 5.71
N ILE A 207 9.28 4.98 6.61
CA ILE A 207 8.56 4.00 7.40
C ILE A 207 8.65 4.23 8.90
N ASN A 208 7.49 4.31 9.54
CA ASN A 208 7.39 4.22 10.98
C ASN A 208 7.13 2.76 11.32
N ASN A 209 8.14 2.05 11.82
CA ASN A 209 8.04 0.61 11.99
C ASN A 209 7.25 0.13 13.21
N GLY A 210 6.38 0.97 13.72
CA GLY A 210 5.44 0.59 14.76
C GLY A 210 5.96 0.13 16.11
N PHE A 211 7.12 0.66 16.50
CA PHE A 211 7.69 0.35 17.80
C PHE A 211 7.44 1.41 18.86
N THR A 212 6.75 2.48 18.51
CA THR A 212 6.48 3.53 19.48
C THR A 212 5.09 4.11 19.29
N PRO A 213 4.65 4.87 20.28
CA PRO A 213 3.35 5.52 20.20
C PRO A 213 3.43 6.86 19.46
N ASP A 214 4.63 7.25 19.06
CA ASP A 214 4.77 8.48 18.29
C ASP A 214 4.52 8.19 16.83
N LYS A 215 3.51 8.87 16.30
CA LYS A 215 3.09 8.73 14.91
C LYS A 215 4.19 9.16 13.96
N ASN A 216 4.98 10.12 14.40
CA ASN A 216 5.90 10.85 13.55
C ASN A 216 7.37 10.38 13.51
N ASP A 217 7.65 9.21 14.07
CA ASP A 217 9.03 8.74 14.07
C ASP A 217 9.28 7.91 12.81
N TYR A 218 9.89 8.53 11.82
CA TYR A 218 10.03 7.94 10.51
C TYR A 218 11.48 7.64 10.16
N GLU A 219 11.69 6.49 9.54
CA GLU A 219 13.01 6.08 9.07
C GLU A 219 12.99 5.88 7.56
N PHE A 220 13.98 6.45 6.86
CA PHE A 220 14.04 6.34 5.42
C PHE A 220 14.19 4.90 4.94
N CYS A 221 13.29 4.48 4.05
CA CYS A 221 13.35 3.12 3.48
C CYS A 221 13.94 2.98 2.07
N ALA A 222 13.38 3.71 1.12
CA ALA A 222 13.86 3.71 -0.26
C ALA A 222 13.42 4.98 -1.00
N LYS A 223 14.07 5.30 -2.12
CA LYS A 223 13.63 6.42 -2.92
C LYS A 223 13.98 6.21 -4.37
N VAL A 224 13.16 6.77 -5.25
CA VAL A 224 13.46 6.79 -6.68
C VAL A 224 13.51 8.24 -7.15
N GLU A 225 14.62 8.63 -7.76
CA GLU A 225 14.78 9.98 -8.26
C GLU A 225 14.37 10.08 -9.73
N ASN A 226 13.91 11.26 -10.12
CA ASN A 226 13.62 11.54 -11.52
C ASN A 226 12.66 10.54 -12.15
N MET A 227 11.54 10.31 -11.48
CA MET A 227 10.60 9.28 -11.87
C MET A 227 9.29 9.89 -12.36
N ILE A 228 8.76 9.35 -13.45
CA ILE A 228 7.54 9.88 -14.07
C ILE A 228 6.39 8.91 -13.89
N ILE A 229 5.23 9.44 -13.49
CA ILE A 229 4.03 8.64 -13.27
C ILE A 229 2.89 9.37 -13.92
N PRO A 230 1.74 8.72 -14.10
CA PRO A 230 0.63 9.32 -14.86
C PRO A 230 0.12 10.62 -14.24
N ALA A 231 -0.32 11.55 -15.08
CA ALA A 231 -0.80 12.85 -14.61
C ALA A 231 -2.02 12.70 -13.73
N GLN A 232 -2.88 11.75 -14.07
CA GLN A 232 -4.07 11.46 -13.27
C GLN A 232 -4.09 10.00 -12.90
N GLY A 233 -4.46 9.70 -11.66
CA GLY A 233 -4.47 8.33 -11.18
C GLY A 233 -5.38 8.04 -10.01
N HIS A 234 -5.65 6.77 -9.79
CA HIS A 234 -6.37 6.31 -8.61
C HIS A 234 -5.36 5.86 -7.57
N PHE A 235 -5.61 6.23 -6.33
CA PHE A 235 -4.88 5.66 -5.20
C PHE A 235 -5.52 4.34 -4.77
N GLY A 236 -4.69 3.38 -4.39
CA GLY A 236 -5.18 2.09 -3.96
C GLY A 236 -4.41 1.38 -2.88
N ILE A 237 -5.11 0.53 -2.14
CA ILE A 237 -4.48 -0.38 -1.21
C ILE A 237 -5.03 -1.80 -1.41
N SER A 238 -4.15 -2.78 -1.53
CA SER A 238 -4.57 -4.17 -1.74
C SER A 238 -3.73 -5.18 -0.95
N ALA A 239 -4.33 -6.32 -0.63
CA ALA A 239 -3.63 -7.39 0.08
C ALA A 239 -4.03 -8.78 -0.43
N ALA A 240 -3.12 -9.73 -0.30
CA ALA A 240 -3.40 -11.10 -0.69
C ALA A 240 -2.80 -12.11 0.28
N THR A 241 -3.35 -13.33 0.24
CA THR A 241 -2.80 -14.50 0.93
C THR A 241 -2.74 -15.75 0.03
N GLY A 242 -1.93 -16.71 0.41
CA GLY A 242 -1.83 -17.98 -0.29
C GLY A 242 -1.94 -19.17 0.64
N GLY A 243 -0.88 -19.97 0.65
CA GLY A 243 -0.71 -21.07 1.59
C GLY A 243 -0.64 -20.56 3.01
N LEU A 244 0.00 -19.41 3.19
CA LEU A 244 0.11 -18.77 4.50
C LEU A 244 -0.73 -17.50 4.52
N ALA A 245 -1.34 -17.20 5.66
CA ALA A 245 -2.22 -16.05 5.75
C ALA A 245 -1.96 -15.17 6.96
N ASP A 246 -2.04 -13.86 6.73
CA ASP A 246 -1.95 -12.88 7.79
C ASP A 246 -3.17 -12.01 7.63
N ASP A 247 -3.58 -11.35 8.71
CA ASP A 247 -4.63 -10.36 8.62
C ASP A 247 -3.98 -9.07 8.15
N HIS A 248 -4.49 -8.48 7.08
CA HIS A 248 -3.95 -7.23 6.59
C HIS A 248 -4.93 -6.10 6.83
N ASP A 249 -4.57 -5.18 7.70
CA ASP A 249 -5.47 -4.12 8.14
C ASP A 249 -4.96 -2.73 7.83
N VAL A 250 -5.82 -1.89 7.26
CA VAL A 250 -5.47 -0.49 7.12
C VAL A 250 -6.39 0.35 8.00
N LEU A 251 -5.80 0.96 9.03
CA LEU A 251 -6.52 1.89 9.87
C LEU A 251 -6.90 3.20 9.18
N SER A 252 -5.96 3.75 8.41
CA SER A 252 -6.24 4.98 7.67
C SER A 252 -5.42 5.14 6.39
N PHE A 253 -6.00 5.84 5.42
CA PHE A 253 -5.29 6.26 4.23
C PHE A 253 -5.44 7.76 4.13
N LEU A 254 -4.34 8.49 4.20
CA LEU A 254 -4.41 9.95 4.16
C LEU A 254 -3.64 10.54 2.99
N THR A 255 -4.33 11.35 2.19
CA THR A 255 -3.74 11.94 0.99
C THR A 255 -3.63 13.45 1.08
N PHE A 256 -2.44 13.96 0.79
CA PHE A 256 -2.19 15.39 0.78
C PHE A 256 -1.64 15.84 -0.57
N GLN A 257 -2.21 16.90 -1.14
CA GLN A 257 -1.61 17.56 -2.28
C GLN A 257 -0.40 18.35 -1.79
N LEU A 258 0.68 18.36 -2.56
CA LEU A 258 1.90 19.04 -2.16
C LEU A 258 2.23 20.19 -3.11
N THR A 259 2.64 21.31 -2.53
CA THR A 259 3.01 22.48 -3.31
C THR A 259 4.34 23.05 -2.83
N GLU A 260 5.05 23.71 -3.74
CA GLU A 260 6.37 24.27 -3.43
C GLU A 260 6.28 25.46 -2.50
#